data_2ZXF
#
_entry.id   2ZXF
#
_cell.length_a   121.299
_cell.length_b   137.030
_cell.length_c   132.751
_cell.angle_alpha   90.00
_cell.angle_beta   90.00
_cell.angle_gamma   90.00
#
_symmetry.space_group_name_H-M   'C 2 2 21'
#
loop_
_entity.id
_entity.type
_entity.pdbx_description
1 polymer 'Glycyl-tRNA synthetase'
2 non-polymer "BIS(ADENOSINE)-5'-TETRAPHOSPHATE"
3 water water
#
_entity_poly.entity_id   1
_entity_poly.type   'polypeptide(L)'
_entity_poly.pdbx_seq_one_letter_code
;MDGAGAEEVLAPLRLAVRQQGDLVRKLKEDKAPQVDVDKAVAELKARKRVLEAKELALQPKDDIVDRAKMEDTLKRRFFY
DQAFAIYGGVSGLYDFGPVGCALKNNIIQTWRQHFIQEEQILEIDCTMLTPEPVLKTSGHVDKFADFMVKDVKNGECFRA
DHLLKAHLQKLMSDKKCSVEKKSEMESVLAQLDNYGQQELADLFVNYNVKSPITGNDLSPPVSFNLMFKTFIGPGGNMPG
YLRPETAQGIFLNFKRLLEFNQGKLPFAAAQIGNSFRNEISPRSGLIRVREFTMAEIEHFVDPSEKDHPKFQNVADLHLY
LYSAKAQVSGQSARKMRLGDAVEQGVINNTVLGYFIGRIYLYLTKVGISPDKLRFRQHMENEMAHYACDCWDAESKTSYG
WIEIVGCADRSCYDLSCHARATKVPLVAEKPLKEPKTVNVVQFEPSKGAIGKAYKKDAKLVMEYLAICDECYITEMEMLL
NEKGEFTIETEGKTFQLTKDMINVKRFQKTLYVEEVVPNVIEPSFGLGRIMYTVFEHTFHVREGDEQRTFFSFPAVVAPF
KCSVLPLSQNQEFMPFVKELSEALTRHGVSHKVDDSSGSIGRRYARTDEIGVAFGVTIDFDTVNKTPHTATLRDRDSMRQ
IRAEISELPSIVQDLANGNITWADVEARYPLFEGQETGKKETIEELEHHHHHH
;
_entity_poly.pdbx_strand_id   A
#
loop_
_chem_comp.id
_chem_comp.type
_chem_comp.name
_chem_comp.formula
B4P non-polymer BIS(ADENOSINE)-5'-TETRAPHOSPHATE 'C20 H28 N10 O19 P4'
#
# COMPACT_ATOMS: atom_id res chain seq x y z
N ILE A 64 6.61 -16.79 4.68
CA ILE A 64 5.55 -17.71 5.19
C ILE A 64 4.90 -17.09 6.42
N VAL A 65 3.70 -16.53 6.25
CA VAL A 65 2.98 -15.93 7.36
C VAL A 65 1.71 -16.73 7.60
N ASP A 66 1.09 -16.56 8.76
CA ASP A 66 -0.13 -17.31 9.10
C ASP A 66 -1.41 -16.48 9.19
N ARG A 67 -2.15 -16.44 8.08
CA ARG A 67 -3.39 -15.67 8.00
C ARG A 67 -4.35 -15.86 9.16
N ALA A 68 -4.61 -17.11 9.53
CA ALA A 68 -5.53 -17.37 10.63
C ALA A 68 -5.22 -16.49 11.83
N LYS A 69 -4.12 -16.82 12.52
CA LYS A 69 -3.69 -16.11 13.72
C LYS A 69 -3.52 -14.60 13.62
N MET A 70 -3.51 -14.05 12.41
CA MET A 70 -3.36 -12.59 12.27
C MET A 70 -4.71 -11.97 11.99
N GLU A 71 -5.41 -12.46 10.97
CA GLU A 71 -6.73 -11.92 10.66
C GLU A 71 -7.48 -11.86 11.97
N ASP A 72 -7.15 -12.79 12.86
CA ASP A 72 -7.79 -12.85 14.17
C ASP A 72 -7.27 -11.74 15.06
N THR A 73 -5.96 -11.75 15.33
CA THR A 73 -5.37 -10.75 16.19
C THR A 73 -5.70 -9.34 15.70
N LEU A 74 -5.73 -9.17 14.38
CA LEU A 74 -6.06 -7.87 13.83
C LEU A 74 -7.48 -7.52 14.23
N LYS A 75 -8.44 -8.25 13.65
CA LYS A 75 -9.86 -8.03 13.91
C LYS A 75 -10.23 -7.93 15.39
N ARG A 76 -9.60 -8.74 16.23
CA ARG A 76 -9.87 -8.71 17.67
C ARG A 76 -9.37 -7.43 18.32
N ARG A 77 -8.27 -6.88 17.80
CA ARG A 77 -7.71 -5.64 18.33
C ARG A 77 -8.21 -4.43 17.55
N PHE A 78 -9.32 -4.63 16.86
CA PHE A 78 -9.97 -3.63 16.03
C PHE A 78 -9.07 -2.71 15.23
N PHE A 79 -8.30 -3.32 14.34
CA PHE A 79 -7.44 -2.58 13.44
C PHE A 79 -8.43 -2.33 12.32
N TYR A 80 -9.02 -3.43 11.84
CA TYR A 80 -10.04 -3.38 10.80
C TYR A 80 -10.96 -4.56 11.02
N ASP A 81 -12.16 -4.47 10.45
CA ASP A 81 -13.13 -5.56 10.60
C ASP A 81 -14.23 -5.36 9.57
N GLN A 82 -15.00 -6.40 9.31
CA GLN A 82 -16.08 -6.29 8.34
C GLN A 82 -17.06 -5.21 8.69
N ALA A 83 -17.44 -4.45 7.66
CA ALA A 83 -18.39 -3.38 7.82
C ALA A 83 -19.74 -4.04 7.97
N PHE A 84 -20.71 -3.28 8.48
CA PHE A 84 -22.05 -3.79 8.70
C PHE A 84 -21.89 -5.23 9.15
N ALA A 85 -21.29 -5.39 10.32
CA ALA A 85 -21.05 -6.70 10.89
C ALA A 85 -22.41 -7.29 11.22
N ILE A 86 -23.11 -6.59 12.12
CA ILE A 86 -24.43 -6.97 12.57
C ILE A 86 -25.48 -7.01 11.45
N TYR A 87 -25.06 -7.31 10.23
CA TYR A 87 -25.96 -7.40 9.07
C TYR A 87 -25.42 -8.41 8.06
N GLY A 88 -24.30 -9.06 8.41
CA GLY A 88 -23.70 -10.03 7.51
C GLY A 88 -22.36 -9.54 7.02
N GLY A 89 -22.32 -8.26 6.67
CA GLY A 89 -21.09 -7.66 6.19
C GLY A 89 -20.92 -7.79 4.68
N VAL A 90 -20.94 -6.65 3.99
CA VAL A 90 -20.76 -6.64 2.54
C VAL A 90 -19.29 -6.91 2.33
N SER A 91 -18.95 -7.91 1.51
CA SER A 91 -17.54 -8.20 1.28
C SER A 91 -16.90 -7.06 0.51
N GLY A 92 -15.58 -6.96 0.62
CA GLY A 92 -14.87 -5.90 -0.07
C GLY A 92 -15.01 -4.58 0.67
N LEU A 93 -15.80 -4.60 1.74
CA LEU A 93 -16.02 -3.42 2.56
C LEU A 93 -15.62 -3.68 4.00
N TYR A 94 -14.62 -2.97 4.48
CA TYR A 94 -14.15 -3.14 5.85
C TYR A 94 -14.02 -1.78 6.52
N ASP A 95 -14.09 -1.77 7.85
CA ASP A 95 -13.94 -0.52 8.61
C ASP A 95 -12.65 -0.54 9.40
N PHE A 96 -12.17 0.64 9.78
CA PHE A 96 -10.92 0.74 10.53
C PHE A 96 -11.11 1.27 11.95
N GLY A 97 -10.86 0.39 12.92
CA GLY A 97 -10.99 0.75 14.33
C GLY A 97 -10.06 1.86 14.75
N PRO A 98 -9.88 2.07 16.07
CA PRO A 98 -8.97 3.15 16.44
C PRO A 98 -7.49 2.92 16.11
N VAL A 99 -6.90 1.87 16.66
CA VAL A 99 -5.48 1.61 16.40
C VAL A 99 -5.24 1.37 14.91
N GLY A 100 -6.31 1.16 14.17
CA GLY A 100 -6.17 0.97 12.74
C GLY A 100 -6.03 2.37 12.16
N CYS A 101 -6.93 3.25 12.55
CA CYS A 101 -6.91 4.63 12.09
C CYS A 101 -5.60 5.29 12.44
N ALA A 102 -5.16 5.09 13.67
CA ALA A 102 -3.92 5.68 14.14
C ALA A 102 -2.77 5.24 13.25
N LEU A 103 -2.82 3.98 12.81
CA LEU A 103 -1.79 3.45 11.93
C LEU A 103 -2.00 4.00 10.53
N LYS A 104 -3.24 3.92 10.06
CA LYS A 104 -3.58 4.41 8.73
C LYS A 104 -3.23 5.88 8.57
N ASN A 105 -3.38 6.67 9.62
CA ASN A 105 -3.06 8.09 9.53
C ASN A 105 -1.54 8.30 9.56
N ASN A 106 -0.83 7.42 10.25
CA ASN A 106 0.61 7.54 10.33
C ASN A 106 1.29 7.12 9.04
N ILE A 107 0.60 6.33 8.24
CA ILE A 107 1.14 5.89 6.97
C ILE A 107 0.96 6.98 5.94
N ILE A 108 -0.18 7.68 6.04
CA ILE A 108 -0.49 8.75 5.13
C ILE A 108 0.25 10.03 5.52
N GLN A 109 0.72 10.09 6.76
CA GLN A 109 1.44 11.28 7.23
C GLN A 109 2.91 11.16 6.90
N THR A 110 3.33 9.94 6.60
CA THR A 110 4.71 9.65 6.23
C THR A 110 4.72 9.87 4.73
N TRP A 111 3.81 9.18 4.07
CA TRP A 111 3.70 9.29 2.63
C TRP A 111 3.62 10.77 2.28
N ARG A 112 3.15 11.59 3.23
CA ARG A 112 3.03 13.03 3.00
C ARG A 112 4.38 13.72 2.98
N GLN A 113 5.27 13.33 3.88
CA GLN A 113 6.59 13.92 3.88
C GLN A 113 7.24 13.40 2.62
N HIS A 114 7.59 12.13 2.66
CA HIS A 114 8.22 11.41 1.56
C HIS A 114 7.93 11.90 0.13
N PHE A 115 6.79 12.54 -0.09
CA PHE A 115 6.44 12.99 -1.44
C PHE A 115 5.96 14.42 -1.59
N ILE A 116 4.83 14.74 -0.98
CA ILE A 116 4.32 16.09 -1.11
C ILE A 116 5.29 17.11 -0.53
N GLN A 117 5.97 16.75 0.54
CA GLN A 117 6.92 17.66 1.15
C GLN A 117 8.18 17.80 0.30
N GLU A 118 8.95 16.73 0.27
CA GLU A 118 10.21 16.67 -0.47
C GLU A 118 10.16 17.21 -1.90
N GLU A 119 9.22 16.72 -2.71
CA GLU A 119 9.17 17.16 -4.10
C GLU A 119 8.20 18.31 -4.41
N GLN A 120 7.90 19.15 -3.42
CA GLN A 120 7.02 20.30 -3.64
C GLN A 120 5.78 19.99 -4.48
N ILE A 121 5.06 18.95 -4.10
CA ILE A 121 3.87 18.52 -4.81
C ILE A 121 2.60 19.33 -4.58
N LEU A 122 2.03 19.84 -5.66
CA LEU A 122 0.79 20.62 -5.59
C LEU A 122 -0.39 19.69 -5.26
N GLU A 123 -1.02 19.90 -4.11
CA GLU A 123 -2.15 19.08 -3.68
C GLU A 123 -3.49 19.73 -4.01
N ILE A 124 -4.50 18.89 -4.26
CA ILE A 124 -5.86 19.34 -4.54
C ILE A 124 -6.81 18.23 -4.12
N ASP A 125 -8.01 18.57 -3.71
CA ASP A 125 -8.97 17.56 -3.29
C ASP A 125 -10.15 17.62 -4.25
N CYS A 126 -10.23 16.63 -5.15
CA CYS A 126 -11.31 16.58 -6.12
C CYS A 126 -12.50 15.76 -5.64
N THR A 127 -13.65 16.00 -6.27
CA THR A 127 -14.88 15.30 -5.94
C THR A 127 -14.76 13.82 -6.29
N MET A 128 -15.65 13.01 -5.72
CA MET A 128 -15.65 11.57 -5.97
C MET A 128 -16.75 11.22 -6.97
N LEU A 129 -17.80 12.02 -6.97
CA LEU A 129 -18.92 11.83 -7.88
C LEU A 129 -18.53 12.35 -9.27
N THR A 130 -18.44 11.45 -10.25
CA THR A 130 -18.05 11.84 -11.60
C THR A 130 -19.16 11.66 -12.65
N PRO A 131 -19.35 12.65 -13.53
CA PRO A 131 -20.42 12.48 -14.53
C PRO A 131 -19.91 11.73 -15.77
N GLU A 132 -20.64 10.67 -16.12
CA GLU A 132 -20.35 9.79 -17.26
C GLU A 132 -19.43 10.34 -18.36
N PRO A 133 -19.79 11.48 -18.97
CA PRO A 133 -18.97 12.08 -20.02
C PRO A 133 -17.47 12.16 -19.73
N VAL A 134 -17.11 12.45 -18.48
CA VAL A 134 -15.70 12.57 -18.09
C VAL A 134 -14.97 11.24 -18.09
N LEU A 135 -15.66 10.19 -17.67
CA LEU A 135 -15.07 8.85 -17.63
C LEU A 135 -15.22 8.18 -18.99
N LYS A 136 -16.01 8.80 -19.85
CA LYS A 136 -16.23 8.29 -21.20
C LYS A 136 -15.05 8.73 -22.05
N THR A 137 -14.62 9.98 -21.83
CA THR A 137 -13.50 10.56 -22.56
C THR A 137 -12.16 9.91 -22.21
N SER A 138 -11.99 9.52 -20.96
CA SER A 138 -10.74 8.87 -20.56
C SER A 138 -10.78 7.46 -21.13
N GLY A 139 -11.99 7.01 -21.43
CA GLY A 139 -12.16 5.68 -21.98
C GLY A 139 -12.33 4.62 -20.90
N HIS A 140 -12.89 5.01 -19.78
CA HIS A 140 -13.12 4.07 -18.70
C HIS A 140 -14.45 3.38 -18.96
N VAL A 141 -15.44 4.16 -19.37
CA VAL A 141 -16.75 3.62 -19.66
C VAL A 141 -16.57 2.43 -20.58
N ASP A 142 -15.43 2.40 -21.27
CA ASP A 142 -15.12 1.33 -22.21
C ASP A 142 -14.29 0.17 -21.66
N LYS A 143 -12.97 0.33 -21.69
CA LYS A 143 -12.04 -0.71 -21.28
C LYS A 143 -11.82 -1.02 -19.79
N PHE A 144 -12.54 -0.36 -18.88
CA PHE A 144 -12.33 -0.64 -17.46
C PHE A 144 -13.24 -1.71 -16.86
N ALA A 145 -12.69 -2.91 -16.69
CA ALA A 145 -13.47 -4.00 -16.12
C ALA A 145 -12.70 -5.30 -16.00
N ASP A 146 -13.39 -6.30 -15.46
CA ASP A 146 -12.85 -7.64 -15.26
C ASP A 146 -13.78 -8.63 -15.93
N PHE A 147 -13.22 -9.73 -16.42
CA PHE A 147 -14.03 -10.76 -17.06
C PHE A 147 -14.72 -11.58 -16.01
N MET A 148 -16.04 -11.58 -16.08
CA MET A 148 -16.86 -12.28 -15.13
C MET A 148 -17.75 -13.32 -15.80
N VAL A 149 -17.63 -14.55 -15.34
CA VAL A 149 -18.44 -15.64 -15.86
C VAL A 149 -19.49 -15.87 -14.78
N LYS A 150 -20.13 -17.03 -14.79
CA LYS A 150 -21.16 -17.38 -13.81
C LYS A 150 -21.86 -18.66 -14.25
N ASP A 151 -22.06 -19.58 -13.31
CA ASP A 151 -22.71 -20.85 -13.63
C ASP A 151 -24.20 -20.65 -13.94
N VAL A 152 -24.63 -21.13 -15.11
CA VAL A 152 -26.01 -21.01 -15.56
C VAL A 152 -27.07 -21.58 -14.61
N LYS A 153 -26.66 -21.99 -13.42
CA LYS A 153 -27.59 -22.52 -12.40
C LYS A 153 -28.18 -21.32 -11.66
N ASN A 154 -27.32 -20.64 -10.89
CA ASN A 154 -27.72 -19.45 -10.15
C ASN A 154 -26.74 -18.32 -10.49
N GLY A 155 -27.12 -17.08 -10.17
CA GLY A 155 -26.28 -15.93 -10.48
C GLY A 155 -24.78 -16.10 -10.32
N GLU A 156 -24.34 -16.37 -9.10
CA GLU A 156 -22.93 -16.56 -8.75
C GLU A 156 -21.87 -16.10 -9.74
N CYS A 157 -21.37 -14.88 -9.55
CA CYS A 157 -20.35 -14.34 -10.43
C CYS A 157 -18.97 -14.84 -10.05
N PHE A 158 -17.98 -14.45 -10.85
CA PHE A 158 -16.59 -14.82 -10.64
C PHE A 158 -15.71 -14.03 -11.59
N ARG A 159 -14.63 -13.44 -11.09
CA ARG A 159 -13.74 -12.73 -11.99
C ARG A 159 -13.14 -13.90 -12.76
N ALA A 160 -13.47 -14.02 -14.04
CA ALA A 160 -12.97 -15.11 -14.86
C ALA A 160 -11.50 -15.28 -14.53
N ASP A 161 -10.73 -14.32 -15.01
CA ASP A 161 -9.29 -14.23 -14.78
C ASP A 161 -8.83 -15.22 -13.70
N HIS A 162 -9.13 -14.86 -12.45
CA HIS A 162 -8.75 -15.65 -11.27
C HIS A 162 -9.33 -17.07 -11.18
N LEU A 163 -10.59 -17.25 -11.57
CA LEU A 163 -11.21 -18.57 -11.50
C LEU A 163 -10.34 -19.57 -12.23
N LEU A 164 -10.02 -19.27 -13.48
CA LEU A 164 -9.20 -20.15 -14.29
C LEU A 164 -7.82 -20.34 -13.65
N LYS A 165 -7.29 -19.26 -13.07
CA LYS A 165 -5.98 -19.28 -12.42
C LYS A 165 -5.97 -20.18 -11.19
N ALA A 166 -7.16 -20.51 -10.69
CA ALA A 166 -7.30 -21.36 -9.52
C ALA A 166 -7.45 -22.81 -9.96
N HIS A 167 -7.91 -22.99 -11.20
CA HIS A 167 -8.12 -24.32 -11.75
C HIS A 167 -6.80 -25.06 -11.97
N LEU A 168 -5.89 -24.41 -12.67
CA LEU A 168 -4.60 -25.01 -12.98
C LEU A 168 -3.76 -25.08 -11.69
N GLN A 169 -3.96 -24.14 -10.78
CA GLN A 169 -3.24 -24.15 -9.50
C GLN A 169 -3.75 -25.32 -8.67
N LYS A 170 -4.62 -26.13 -9.26
CA LYS A 170 -5.18 -27.29 -8.58
C LYS A 170 -4.65 -28.52 -9.33
N LEU A 171 -4.54 -28.39 -10.65
CA LEU A 171 -4.04 -29.47 -11.48
C LEU A 171 -2.55 -29.65 -11.21
N MET A 172 -1.78 -28.58 -11.39
CA MET A 172 -0.34 -28.62 -11.18
C MET A 172 0.04 -29.06 -9.77
N SER A 173 -0.79 -28.70 -8.78
CA SER A 173 -0.52 -29.06 -7.39
C SER A 173 -0.88 -30.51 -7.09
N ASP A 174 -1.87 -31.03 -7.79
CA ASP A 174 -2.29 -32.43 -7.62
C ASP A 174 -1.17 -33.32 -8.16
N LYS A 175 -0.71 -34.27 -7.33
CA LYS A 175 0.39 -35.16 -7.70
C LYS A 175 0.23 -36.06 -8.96
N LYS A 176 -0.94 -36.06 -9.58
CA LYS A 176 -1.18 -36.87 -10.79
C LYS A 176 -0.74 -36.12 -12.04
N CYS A 177 0.06 -35.08 -11.83
CA CYS A 177 0.55 -34.24 -12.90
C CYS A 177 1.78 -34.82 -13.59
N SER A 178 1.90 -34.53 -14.88
CA SER A 178 3.01 -34.98 -15.69
C SER A 178 4.06 -33.88 -15.55
N VAL A 179 5.32 -34.23 -15.26
CA VAL A 179 6.35 -33.19 -15.14
C VAL A 179 6.25 -32.37 -16.43
N GLU A 180 5.45 -32.91 -17.35
CA GLU A 180 5.17 -32.33 -18.66
C GLU A 180 4.11 -31.24 -18.61
N LYS A 181 2.88 -31.64 -18.32
CA LYS A 181 1.78 -30.68 -18.25
C LYS A 181 2.17 -29.51 -17.36
N LYS A 182 2.30 -29.79 -16.06
CA LYS A 182 2.65 -28.81 -15.05
C LYS A 182 3.50 -27.63 -15.53
N SER A 183 4.48 -27.91 -16.38
CA SER A 183 5.37 -26.86 -16.87
C SER A 183 4.74 -25.85 -17.83
N GLU A 184 3.63 -26.19 -18.48
CA GLU A 184 3.00 -25.24 -19.41
C GLU A 184 1.77 -24.55 -18.82
N MET A 185 1.13 -25.18 -17.84
CA MET A 185 -0.02 -24.53 -17.23
C MET A 185 0.57 -23.29 -16.55
N GLU A 186 1.85 -23.39 -16.24
CA GLU A 186 2.58 -22.28 -15.64
C GLU A 186 2.72 -21.23 -16.74
N SER A 187 2.84 -21.72 -17.97
CA SER A 187 2.99 -20.86 -19.14
C SER A 187 1.68 -20.17 -19.49
N VAL A 188 0.60 -20.64 -18.89
CA VAL A 188 -0.72 -20.07 -19.12
C VAL A 188 -1.03 -19.09 -17.99
N LEU A 189 -0.55 -19.40 -16.80
CA LEU A 189 -0.76 -18.51 -15.67
C LEU A 189 0.11 -17.29 -15.88
N ALA A 190 1.39 -17.54 -16.18
CA ALA A 190 2.33 -16.45 -16.42
C ALA A 190 2.10 -15.98 -17.86
N GLN A 191 0.96 -15.35 -18.08
CA GLN A 191 0.56 -14.82 -19.39
C GLN A 191 -0.95 -14.64 -19.39
N LEU A 192 -1.56 -14.74 -18.21
CA LEU A 192 -3.01 -14.65 -18.05
C LEU A 192 -3.64 -13.27 -18.16
N ASP A 193 -3.03 -12.26 -17.55
CA ASP A 193 -3.56 -10.90 -17.63
C ASP A 193 -3.56 -10.43 -19.07
N ASN A 194 -2.71 -11.05 -19.88
CA ASN A 194 -2.59 -10.73 -21.29
C ASN A 194 -3.79 -11.23 -22.08
N TYR A 195 -4.07 -12.53 -21.95
CA TYR A 195 -5.18 -13.17 -22.66
C TYR A 195 -6.41 -12.27 -22.78
N GLY A 196 -6.66 -11.82 -24.02
CA GLY A 196 -7.79 -10.96 -24.30
C GLY A 196 -9.09 -11.74 -24.41
N GLN A 197 -10.20 -11.04 -24.61
CA GLN A 197 -11.52 -11.67 -24.69
C GLN A 197 -11.58 -13.08 -25.28
N GLN A 198 -10.99 -13.27 -26.45
CA GLN A 198 -11.06 -14.58 -27.08
C GLN A 198 -10.32 -15.67 -26.33
N GLU A 199 -9.00 -15.69 -26.44
CA GLU A 199 -8.15 -16.67 -25.77
C GLU A 199 -8.65 -17.02 -24.37
N LEU A 200 -9.31 -16.06 -23.72
CA LEU A 200 -9.84 -16.26 -22.37
C LEU A 200 -11.16 -17.02 -22.44
N ALA A 201 -11.85 -16.87 -23.57
CA ALA A 201 -13.10 -17.55 -23.79
C ALA A 201 -12.74 -19.01 -24.09
N ASP A 202 -11.76 -19.17 -24.99
CA ASP A 202 -11.27 -20.48 -25.40
C ASP A 202 -10.81 -21.31 -24.22
N LEU A 203 -9.71 -20.88 -23.61
CA LEU A 203 -9.14 -21.57 -22.47
C LEU A 203 -10.21 -22.04 -21.50
N PHE A 204 -11.36 -21.38 -21.52
CA PHE A 204 -12.47 -21.75 -20.64
C PHE A 204 -13.16 -23.02 -21.10
N VAL A 205 -12.78 -23.48 -22.30
CA VAL A 205 -13.31 -24.69 -22.89
C VAL A 205 -12.32 -25.78 -22.55
N ASN A 206 -11.09 -25.56 -22.99
CA ASN A 206 -9.98 -26.48 -22.75
C ASN A 206 -10.01 -27.04 -21.34
N TYR A 207 -9.20 -26.42 -20.50
CA TYR A 207 -9.06 -26.78 -19.10
C TYR A 207 -10.42 -26.98 -18.44
N ASN A 208 -11.48 -26.64 -19.17
CA ASN A 208 -12.83 -26.81 -18.69
C ASN A 208 -13.03 -26.27 -17.29
N VAL A 209 -13.51 -25.04 -17.20
CA VAL A 209 -13.76 -24.39 -15.93
C VAL A 209 -15.18 -24.67 -15.45
N LYS A 210 -15.31 -24.90 -14.15
CA LYS A 210 -16.62 -25.17 -13.58
C LYS A 210 -16.68 -24.72 -12.13
N SER A 211 -17.62 -23.81 -11.87
CA SER A 211 -17.87 -23.24 -10.54
C SER A 211 -17.08 -23.92 -9.41
N PRO A 212 -16.30 -23.14 -8.65
CA PRO A 212 -15.51 -23.67 -7.54
C PRO A 212 -16.36 -24.22 -6.40
N ILE A 213 -17.61 -23.79 -6.33
CA ILE A 213 -18.56 -24.24 -5.33
C ILE A 213 -19.60 -25.06 -6.10
N THR A 214 -19.82 -26.31 -5.70
CA THR A 214 -20.77 -27.20 -6.37
C THR A 214 -20.66 -27.15 -7.90
N GLY A 215 -19.44 -27.38 -8.38
CA GLY A 215 -19.15 -27.36 -9.81
C GLY A 215 -20.25 -27.45 -10.84
N ASN A 216 -20.94 -26.34 -11.09
CA ASN A 216 -22.00 -26.29 -12.09
C ASN A 216 -21.32 -25.82 -13.37
N ASP A 217 -22.08 -25.38 -14.36
CA ASP A 217 -21.44 -24.94 -15.60
C ASP A 217 -21.47 -23.44 -15.89
N LEU A 218 -20.29 -22.84 -15.75
CA LEU A 218 -20.09 -21.42 -15.96
C LEU A 218 -20.38 -20.96 -17.37
N SER A 219 -21.11 -19.85 -17.48
CA SER A 219 -21.46 -19.25 -18.76
C SER A 219 -20.16 -18.84 -19.44
N PRO A 220 -20.23 -18.01 -20.49
CA PRO A 220 -18.98 -17.61 -21.13
C PRO A 220 -18.43 -16.31 -20.53
N PRO A 221 -17.12 -16.08 -20.70
CA PRO A 221 -16.47 -14.87 -20.18
C PRO A 221 -17.01 -13.57 -20.78
N VAL A 222 -17.36 -12.62 -19.91
CA VAL A 222 -17.90 -11.33 -20.34
C VAL A 222 -17.20 -10.15 -19.64
N SER A 223 -17.28 -8.97 -20.26
CA SER A 223 -16.66 -7.76 -19.71
C SER A 223 -17.52 -7.01 -18.71
N PHE A 224 -17.36 -7.29 -17.42
CA PHE A 224 -18.13 -6.59 -16.39
C PHE A 224 -17.41 -5.33 -15.97
N ASN A 225 -17.98 -4.18 -16.28
CA ASN A 225 -17.37 -2.91 -15.93
C ASN A 225 -17.38 -2.74 -14.42
N LEU A 226 -16.21 -2.46 -13.86
CA LEU A 226 -16.06 -2.30 -12.43
C LEU A 226 -16.59 -1.01 -11.81
N MET A 227 -16.67 0.06 -12.60
CA MET A 227 -17.15 1.34 -12.09
C MET A 227 -18.52 1.23 -11.42
N PHE A 228 -18.76 2.09 -10.44
CA PHE A 228 -20.04 2.11 -9.76
C PHE A 228 -20.92 2.96 -10.67
N LYS A 229 -22.21 3.02 -10.40
CA LYS A 229 -23.08 3.80 -11.27
C LYS A 229 -24.24 4.46 -10.57
N THR A 230 -24.41 5.77 -10.78
CA THR A 230 -25.51 6.49 -10.16
C THR A 230 -25.84 7.78 -10.90
N PHE A 231 -26.95 8.39 -10.50
CA PHE A 231 -27.39 9.61 -11.14
C PHE A 231 -27.30 10.84 -10.24
N ILE A 232 -26.57 11.82 -10.74
CA ILE A 232 -26.39 13.07 -10.05
C ILE A 232 -27.64 13.89 -10.29
N GLY A 233 -28.23 14.39 -9.22
CA GLY A 233 -29.45 15.18 -9.34
C GLY A 233 -30.65 14.30 -9.55
N PRO A 234 -31.87 14.85 -9.44
CA PRO A 234 -33.07 14.03 -9.64
C PRO A 234 -33.30 13.79 -11.13
N GLY A 235 -33.87 12.63 -11.44
CA GLY A 235 -34.10 12.27 -12.82
C GLY A 235 -33.04 11.25 -13.20
N GLY A 236 -32.52 11.34 -14.41
CA GLY A 236 -31.47 10.41 -14.84
C GLY A 236 -30.77 10.95 -16.06
N ASN A 237 -31.06 12.22 -16.36
CA ASN A 237 -30.51 12.93 -17.51
C ASN A 237 -29.01 13.14 -17.34
N MET A 238 -28.54 13.01 -16.10
CA MET A 238 -27.13 13.19 -15.76
C MET A 238 -26.60 11.96 -15.05
N PRO A 239 -26.45 10.84 -15.78
CA PRO A 239 -25.94 9.61 -15.17
C PRO A 239 -24.51 9.87 -14.67
N GLY A 240 -23.86 8.85 -14.10
CA GLY A 240 -22.50 9.04 -13.60
C GLY A 240 -21.81 7.82 -13.02
N TYR A 241 -20.69 8.05 -12.31
CA TYR A 241 -19.92 6.98 -11.67
C TYR A 241 -19.13 7.47 -10.47
N LEU A 242 -18.57 6.53 -9.70
CA LEU A 242 -17.75 6.87 -8.54
C LEU A 242 -16.28 6.68 -8.90
N ARG A 243 -15.63 7.79 -9.27
CA ARG A 243 -14.23 7.82 -9.67
C ARG A 243 -13.37 6.64 -9.18
N PRO A 244 -13.01 5.71 -10.09
CA PRO A 244 -12.21 4.55 -9.70
C PRO A 244 -10.75 4.90 -9.43
N GLU A 245 -10.37 6.13 -9.76
CA GLU A 245 -9.03 6.61 -9.54
C GLU A 245 -9.17 8.10 -9.33
N THR A 246 -8.13 8.75 -8.81
CA THR A 246 -8.19 10.17 -8.53
C THR A 246 -7.77 11.04 -9.71
N ALA A 247 -6.60 10.74 -10.25
CA ALA A 247 -6.00 11.46 -11.38
C ALA A 247 -6.94 12.22 -12.32
N GLN A 248 -7.92 11.53 -12.89
CA GLN A 248 -8.84 12.19 -13.81
C GLN A 248 -9.12 13.61 -13.38
N GLY A 249 -9.16 13.81 -12.06
CA GLY A 249 -9.39 15.14 -11.52
C GLY A 249 -8.19 16.04 -11.68
N ILE A 250 -7.01 15.50 -11.40
CA ILE A 250 -5.77 16.28 -11.51
C ILE A 250 -5.57 16.79 -12.92
N PHE A 251 -6.10 16.06 -13.90
CA PHE A 251 -5.98 16.46 -15.29
C PHE A 251 -7.03 17.49 -15.69
N LEU A 252 -8.29 17.21 -15.36
CA LEU A 252 -9.36 18.14 -15.70
C LEU A 252 -9.10 19.53 -15.15
N ASN A 253 -8.10 19.62 -14.27
CA ASN A 253 -7.69 20.88 -13.64
C ASN A 253 -6.38 21.38 -14.21
N PHE A 254 -5.78 20.63 -15.12
CA PHE A 254 -4.48 20.99 -15.66
C PHE A 254 -4.17 22.46 -15.83
N LYS A 255 -5.00 23.18 -16.58
CA LYS A 255 -4.73 24.58 -16.80
C LYS A 255 -4.34 25.35 -15.55
N ARG A 256 -5.23 25.43 -14.56
CA ARG A 256 -4.89 26.18 -13.35
C ARG A 256 -3.78 25.54 -12.52
N LEU A 257 -3.48 24.26 -12.77
CA LEU A 257 -2.41 23.60 -12.04
C LEU A 257 -1.07 23.95 -12.69
N LEU A 258 -1.08 24.15 -14.01
CA LEU A 258 0.13 24.55 -14.74
C LEU A 258 0.44 25.92 -14.17
N GLU A 259 -0.57 26.79 -14.27
CA GLU A 259 -0.54 28.16 -13.78
C GLU A 259 0.36 28.34 -12.56
N PHE A 260 0.07 27.57 -11.51
CA PHE A 260 0.83 27.64 -10.27
C PHE A 260 2.35 27.58 -10.43
N ASN A 261 2.82 26.64 -11.24
CA ASN A 261 4.25 26.47 -11.45
C ASN A 261 4.77 27.36 -12.58
N GLN A 262 4.20 28.55 -12.69
CA GLN A 262 4.60 29.52 -13.70
C GLN A 262 4.55 29.01 -15.14
N GLY A 263 3.76 27.97 -15.39
CA GLY A 263 3.64 27.44 -16.74
C GLY A 263 4.75 26.52 -17.20
N LYS A 264 5.75 26.29 -16.34
CA LYS A 264 6.85 25.42 -16.68
C LYS A 264 6.60 23.96 -16.32
N LEU A 265 7.58 23.13 -16.63
CA LEU A 265 7.57 21.70 -16.36
C LEU A 265 9.04 21.42 -16.03
N PRO A 266 9.32 20.47 -15.14
CA PRO A 266 8.38 19.61 -14.41
C PRO A 266 7.69 20.30 -13.25
N PHE A 267 6.56 19.72 -12.87
CA PHE A 267 5.75 20.20 -11.77
C PHE A 267 4.78 19.05 -11.57
N ALA A 268 4.65 18.59 -10.33
CA ALA A 268 3.78 17.46 -10.03
C ALA A 268 2.56 17.87 -9.22
N ALA A 269 1.47 17.13 -9.39
CA ALA A 269 0.23 17.38 -8.67
C ALA A 269 -0.03 16.13 -7.84
N ALA A 270 -1.13 16.11 -7.09
CA ALA A 270 -1.45 14.94 -6.28
C ALA A 270 -2.79 15.02 -5.59
N GLN A 271 -3.17 13.89 -4.98
CA GLN A 271 -4.44 13.79 -4.30
C GLN A 271 -4.43 12.57 -3.37
N ILE A 272 -4.96 12.73 -2.17
CA ILE A 272 -5.06 11.60 -1.25
C ILE A 272 -6.55 11.55 -0.93
N GLY A 273 -7.20 10.47 -1.35
CA GLY A 273 -8.63 10.34 -1.11
C GLY A 273 -9.18 8.99 -1.47
N ASN A 274 -10.49 8.92 -1.64
CA ASN A 274 -11.14 7.67 -1.97
C ASN A 274 -11.29 7.36 -3.45
N SER A 275 -11.49 6.06 -3.69
CA SER A 275 -11.69 5.49 -5.02
C SER A 275 -12.52 4.25 -4.80
N PHE A 276 -13.63 4.13 -5.53
CA PHE A 276 -14.52 3.00 -5.41
C PHE A 276 -14.32 2.05 -6.57
N ARG A 277 -14.18 0.76 -6.28
CA ARG A 277 -13.95 -0.22 -7.32
C ARG A 277 -14.74 -1.51 -7.19
N ASN A 278 -16.05 -1.38 -7.39
CA ASN A 278 -16.99 -2.48 -7.34
C ASN A 278 -16.45 -3.78 -7.93
N GLU A 279 -15.57 -4.45 -7.19
CA GLU A 279 -14.98 -5.70 -7.64
C GLU A 279 -16.11 -6.72 -7.78
N ILE A 280 -15.82 -7.87 -8.39
CA ILE A 280 -16.83 -8.90 -8.61
C ILE A 280 -16.91 -9.94 -7.50
N SER A 281 -15.76 -10.43 -7.05
CA SER A 281 -15.75 -11.46 -6.03
C SER A 281 -14.78 -11.15 -4.90
N PRO A 282 -14.91 -9.98 -4.26
CA PRO A 282 -14.01 -9.64 -3.16
C PRO A 282 -13.91 -10.75 -2.12
N ARG A 283 -12.86 -11.55 -2.24
CA ARG A 283 -12.64 -12.69 -1.34
C ARG A 283 -11.24 -12.62 -0.73
N SER A 284 -10.50 -11.55 -1.02
CA SER A 284 -9.14 -11.43 -0.53
C SER A 284 -8.92 -10.61 0.73
N GLY A 285 -10.01 -10.19 1.36
CA GLY A 285 -9.90 -9.40 2.59
C GLY A 285 -9.56 -7.95 2.33
N LEU A 286 -8.50 -7.46 2.99
CA LEU A 286 -8.10 -6.08 2.80
C LEU A 286 -7.38 -5.84 1.46
N ILE A 287 -7.06 -6.92 0.75
CA ILE A 287 -6.36 -6.81 -0.54
C ILE A 287 -7.25 -6.47 -1.74
N ARG A 288 -8.48 -6.97 -1.73
CA ARG A 288 -9.45 -6.74 -2.80
C ARG A 288 -10.66 -6.07 -2.21
N VAL A 289 -10.65 -4.74 -2.09
CA VAL A 289 -11.81 -4.10 -1.51
C VAL A 289 -12.58 -3.28 -2.51
N ARG A 290 -13.84 -2.99 -2.19
CA ARG A 290 -14.70 -2.22 -3.07
C ARG A 290 -14.65 -0.72 -2.83
N GLU A 291 -13.77 -0.31 -1.94
CA GLU A 291 -13.66 1.09 -1.62
C GLU A 291 -12.37 1.23 -0.83
N PHE A 292 -11.50 2.12 -1.27
CA PHE A 292 -10.24 2.29 -0.57
C PHE A 292 -9.64 3.66 -0.74
N THR A 293 -8.79 4.00 0.23
CA THR A 293 -8.10 5.27 0.25
C THR A 293 -6.79 5.06 -0.47
N MET A 294 -6.50 5.91 -1.44
CA MET A 294 -5.26 5.82 -2.18
C MET A 294 -4.74 7.20 -2.51
N ALA A 295 -3.44 7.29 -2.73
CA ALA A 295 -2.81 8.56 -3.04
C ALA A 295 -2.15 8.45 -4.40
N GLU A 296 -2.49 9.38 -5.29
CA GLU A 296 -1.92 9.36 -6.63
C GLU A 296 -1.21 10.67 -6.95
N ILE A 297 0.01 10.54 -7.49
CA ILE A 297 0.81 11.69 -7.88
C ILE A 297 0.76 11.79 -9.40
N GLU A 298 0.68 13.01 -9.91
CA GLU A 298 0.65 13.22 -11.36
C GLU A 298 1.82 14.09 -11.76
N HIS A 299 3.00 13.48 -11.89
CA HIS A 299 4.20 14.20 -12.28
C HIS A 299 4.12 14.54 -13.77
N PHE A 300 4.09 15.83 -14.08
CA PHE A 300 4.00 16.31 -15.47
C PHE A 300 5.34 16.81 -16.00
N VAL A 301 6.05 15.96 -16.74
CA VAL A 301 7.35 16.38 -17.28
C VAL A 301 7.33 16.44 -18.81
N ASP A 302 8.25 17.25 -19.34
CA ASP A 302 8.42 17.47 -20.78
C ASP A 302 8.63 16.13 -21.51
N PRO A 303 7.96 15.92 -22.65
CA PRO A 303 8.16 14.64 -23.35
C PRO A 303 9.60 14.42 -23.82
N SER A 304 10.40 15.48 -23.81
CA SER A 304 11.79 15.42 -24.25
C SER A 304 12.78 15.56 -23.10
N GLU A 305 12.29 15.95 -21.94
CA GLU A 305 13.15 16.14 -20.79
C GLU A 305 13.14 14.97 -19.81
N LYS A 306 12.44 13.89 -20.15
CA LYS A 306 12.34 12.69 -19.31
C LYS A 306 13.67 12.30 -18.67
N ASP A 307 14.22 13.21 -17.89
CA ASP A 307 15.50 13.03 -17.21
C ASP A 307 15.37 13.75 -15.87
N HIS A 308 15.25 12.97 -14.79
CA HIS A 308 15.05 13.55 -13.47
C HIS A 308 16.26 14.13 -12.74
N PRO A 309 16.15 15.40 -12.33
CA PRO A 309 17.09 16.25 -11.59
C PRO A 309 17.45 15.80 -10.18
N LYS A 310 17.19 14.53 -9.86
CA LYS A 310 17.49 14.00 -8.54
C LYS A 310 17.87 12.53 -8.59
N PHE A 311 17.55 11.89 -9.71
CA PHE A 311 17.81 10.47 -9.89
C PHE A 311 19.07 9.93 -9.21
N GLN A 312 20.15 10.70 -9.19
CA GLN A 312 21.37 10.19 -8.59
C GLN A 312 21.21 9.91 -7.10
N ASN A 313 20.21 10.52 -6.46
CA ASN A 313 20.00 10.26 -5.04
C ASN A 313 19.43 8.86 -4.79
N VAL A 314 18.97 8.20 -5.87
CA VAL A 314 18.38 6.87 -5.77
C VAL A 314 18.85 5.84 -6.81
N ALA A 315 20.03 6.03 -7.39
CA ALA A 315 20.54 5.10 -8.39
C ALA A 315 21.20 3.89 -7.71
N ASP A 316 21.85 4.15 -6.58
CA ASP A 316 22.54 3.12 -5.80
C ASP A 316 21.65 1.94 -5.44
N LEU A 317 20.52 2.23 -4.81
CA LEU A 317 19.56 1.22 -4.39
C LEU A 317 19.60 -0.04 -5.25
N HIS A 318 19.62 -1.19 -4.58
CA HIS A 318 19.66 -2.48 -5.27
C HIS A 318 18.35 -3.24 -5.12
N LEU A 319 17.39 -2.92 -5.98
CA LEU A 319 16.08 -3.53 -5.94
C LEU A 319 15.81 -4.56 -7.03
N TYR A 320 15.11 -5.63 -6.66
CA TYR A 320 14.76 -6.69 -7.60
C TYR A 320 13.90 -6.13 -8.73
N LEU A 321 14.19 -6.59 -9.95
CA LEU A 321 13.44 -6.17 -11.13
C LEU A 321 13.12 -7.40 -11.96
N TYR A 322 11.97 -7.36 -12.61
CA TYR A 322 11.48 -8.49 -13.40
C TYR A 322 10.94 -7.93 -14.72
N SER A 323 11.84 -7.44 -15.57
CA SER A 323 11.49 -6.84 -16.86
C SER A 323 10.36 -7.55 -17.61
N ALA A 324 9.89 -6.92 -18.68
CA ALA A 324 8.82 -7.51 -19.48
C ALA A 324 9.39 -8.73 -20.20
N LYS A 325 10.69 -8.67 -20.47
CA LYS A 325 11.39 -9.77 -21.14
C LYS A 325 11.69 -10.90 -20.17
N ALA A 326 12.03 -10.57 -18.94
CA ALA A 326 12.32 -11.59 -17.93
C ALA A 326 11.04 -12.38 -17.64
N GLN A 327 9.97 -12.04 -18.34
CA GLN A 327 8.67 -12.69 -18.18
C GLN A 327 8.31 -13.59 -19.36
N VAL A 328 8.34 -13.04 -20.56
CA VAL A 328 8.03 -13.84 -21.75
C VAL A 328 9.24 -14.74 -21.97
N SER A 329 10.37 -14.35 -21.38
CA SER A 329 11.61 -15.11 -21.45
C SER A 329 11.71 -15.87 -20.13
N GLY A 330 10.56 -16.38 -19.71
CA GLY A 330 10.43 -17.15 -18.47
C GLY A 330 11.65 -17.32 -17.58
N GLN A 331 12.15 -16.22 -17.02
CA GLN A 331 13.30 -16.29 -16.13
C GLN A 331 13.07 -15.44 -14.88
N SER A 332 13.64 -15.90 -13.77
CA SER A 332 13.51 -15.22 -12.48
C SER A 332 13.94 -13.75 -12.48
N ALA A 333 13.36 -12.97 -11.59
CA ALA A 333 13.68 -11.55 -11.46
C ALA A 333 15.11 -11.39 -10.95
N ARG A 334 15.72 -10.26 -11.29
CA ARG A 334 17.11 -9.98 -10.90
C ARG A 334 17.22 -8.89 -9.84
N LYS A 335 18.32 -8.87 -9.09
CA LYS A 335 18.53 -7.85 -8.05
C LYS A 335 19.52 -6.77 -8.48
N MET A 336 19.24 -6.16 -9.63
CA MET A 336 20.09 -5.12 -10.20
C MET A 336 20.38 -3.92 -9.29
N ARG A 337 20.52 -2.78 -9.95
CA ARG A 337 20.78 -1.50 -9.33
C ARG A 337 19.97 -0.60 -10.25
N LEU A 338 19.63 0.62 -9.82
CA LEU A 338 18.85 1.50 -10.66
C LEU A 338 19.69 2.28 -11.66
N GLY A 339 20.81 2.84 -11.20
CA GLY A 339 21.67 3.58 -12.09
C GLY A 339 22.06 2.68 -13.26
N ASP A 340 21.99 1.37 -13.03
CA ASP A 340 22.31 0.34 -14.02
C ASP A 340 21.11 -0.13 -14.84
N ALA A 341 20.06 -0.52 -14.14
CA ALA A 341 18.83 -1.03 -14.76
C ALA A 341 18.32 -0.09 -15.85
N VAL A 342 18.62 1.20 -15.70
CA VAL A 342 18.20 2.20 -16.68
C VAL A 342 19.22 2.25 -17.82
N GLU A 343 20.48 1.93 -17.50
CA GLU A 343 21.56 1.93 -18.48
C GLU A 343 21.16 0.98 -19.62
N GLN A 344 21.02 -0.29 -19.26
CA GLN A 344 20.69 -1.37 -20.17
C GLN A 344 19.37 -1.27 -20.94
N GLY A 345 18.70 -0.12 -20.85
CA GLY A 345 17.46 0.07 -21.58
C GLY A 345 16.19 -0.53 -20.97
N VAL A 346 16.32 -1.16 -19.80
CA VAL A 346 15.16 -1.77 -19.13
C VAL A 346 14.20 -0.69 -18.63
N ILE A 347 14.56 -0.07 -17.51
CA ILE A 347 13.75 0.99 -16.94
C ILE A 347 14.01 2.26 -17.75
N ASN A 348 13.24 2.40 -18.82
CA ASN A 348 13.31 3.52 -19.74
C ASN A 348 14.25 4.67 -19.36
N ASN A 349 13.68 5.79 -18.92
CA ASN A 349 14.44 6.99 -18.56
C ASN A 349 14.97 7.03 -17.13
N THR A 350 15.03 8.23 -16.54
CA THR A 350 15.51 8.37 -15.17
C THR A 350 14.40 8.83 -14.23
N VAL A 351 13.48 9.67 -14.70
CA VAL A 351 12.38 10.09 -13.85
C VAL A 351 11.78 8.80 -13.34
N LEU A 352 11.24 8.02 -14.27
CA LEU A 352 10.62 6.75 -13.97
C LEU A 352 11.41 5.85 -13.04
N GLY A 353 12.72 6.10 -12.94
CA GLY A 353 13.56 5.30 -12.08
C GLY A 353 13.70 5.91 -10.70
N TYR A 354 13.63 7.24 -10.66
CA TYR A 354 13.74 7.98 -9.42
C TYR A 354 12.57 7.66 -8.50
N PHE A 355 11.37 7.81 -9.05
CA PHE A 355 10.16 7.52 -8.29
C PHE A 355 10.20 6.08 -7.82
N ILE A 356 10.78 5.20 -8.63
CA ILE A 356 10.89 3.80 -8.25
C ILE A 356 11.80 3.72 -7.03
N GLY A 357 12.80 4.61 -6.99
CA GLY A 357 13.72 4.62 -5.86
C GLY A 357 13.01 5.07 -4.60
N ARG A 358 12.25 6.15 -4.73
CA ARG A 358 11.49 6.69 -3.61
C ARG A 358 10.44 5.67 -3.21
N ILE A 359 9.61 5.30 -4.17
CA ILE A 359 8.56 4.32 -3.92
C ILE A 359 9.14 3.16 -3.10
N TYR A 360 10.39 2.81 -3.37
CA TYR A 360 11.00 1.72 -2.63
C TYR A 360 11.43 2.13 -1.23
N LEU A 361 11.86 3.38 -1.06
CA LEU A 361 12.28 3.85 0.26
C LEU A 361 11.08 3.92 1.19
N TYR A 362 10.00 4.52 0.69
CA TYR A 362 8.77 4.67 1.48
C TYR A 362 8.30 3.31 1.94
N LEU A 363 8.22 2.39 1.00
CA LEU A 363 7.78 1.04 1.29
C LEU A 363 8.70 0.36 2.29
N THR A 364 9.93 0.82 2.36
CA THR A 364 10.86 0.25 3.34
C THR A 364 10.58 0.95 4.65
N LYS A 365 10.69 2.28 4.61
CA LYS A 365 10.49 3.13 5.77
C LYS A 365 9.21 2.82 6.56
N VAL A 366 8.14 2.46 5.86
CA VAL A 366 6.88 2.19 6.54
C VAL A 366 6.69 0.78 7.05
N GLY A 367 7.53 -0.15 6.61
CA GLY A 367 7.39 -1.50 7.09
C GLY A 367 7.76 -2.62 6.16
N ILE A 368 7.24 -2.61 4.94
CA ILE A 368 7.56 -3.67 3.98
C ILE A 368 9.05 -3.99 4.10
N SER A 369 9.39 -5.27 4.01
CA SER A 369 10.78 -5.72 4.11
C SER A 369 11.45 -5.93 2.74
N PRO A 370 12.67 -5.39 2.55
CA PRO A 370 13.38 -5.53 1.29
C PRO A 370 13.07 -6.81 0.52
N ASP A 371 13.28 -7.95 1.18
CA ASP A 371 13.09 -9.28 0.62
C ASP A 371 11.79 -9.66 -0.10
N LYS A 372 10.63 -9.21 0.37
CA LYS A 372 9.37 -9.59 -0.28
C LYS A 372 8.74 -8.49 -1.11
N LEU A 373 9.60 -7.68 -1.72
CA LEU A 373 9.16 -6.57 -2.56
C LEU A 373 9.95 -6.62 -3.86
N ARG A 374 9.25 -6.52 -4.99
CA ARG A 374 9.90 -6.53 -6.30
C ARG A 374 9.17 -5.60 -7.25
N PHE A 375 9.76 -5.35 -8.42
CA PHE A 375 9.15 -4.49 -9.41
C PHE A 375 8.98 -5.17 -10.76
N ARG A 376 7.74 -5.54 -11.08
CA ARG A 376 7.44 -6.23 -12.34
C ARG A 376 6.74 -5.36 -13.38
N GLN A 377 7.42 -5.07 -14.49
CA GLN A 377 6.79 -4.28 -15.54
C GLN A 377 5.68 -5.13 -16.13
N HIS A 378 4.71 -4.49 -16.77
CA HIS A 378 3.59 -5.22 -17.37
C HIS A 378 4.01 -6.00 -18.62
N MET A 379 3.01 -6.60 -19.28
CA MET A 379 3.23 -7.37 -20.50
C MET A 379 2.56 -6.60 -21.64
N GLU A 380 3.15 -6.64 -22.83
CA GLU A 380 2.64 -5.91 -23.99
C GLU A 380 1.16 -5.50 -24.00
N ASN A 381 0.26 -6.40 -23.62
CA ASN A 381 -1.15 -6.02 -23.59
C ASN A 381 -1.84 -6.30 -22.26
N GLU A 382 -1.05 -6.25 -21.19
CA GLU A 382 -1.54 -6.43 -19.82
C GLU A 382 -1.71 -4.99 -19.39
N MET A 383 -1.40 -4.11 -20.33
CA MET A 383 -1.46 -2.68 -20.19
C MET A 383 -2.84 -2.20 -19.74
N ALA A 384 -2.87 -1.04 -19.11
CA ALA A 384 -4.12 -0.43 -18.69
C ALA A 384 -4.51 0.32 -19.95
N HIS A 385 -5.80 0.61 -20.14
CA HIS A 385 -6.22 1.30 -21.35
C HIS A 385 -5.59 2.69 -21.52
N TYR A 386 -5.05 3.25 -20.43
CA TYR A 386 -4.45 4.58 -20.48
C TYR A 386 -2.91 4.68 -20.55
N ALA A 387 -2.23 3.54 -20.69
CA ALA A 387 -0.76 3.57 -20.72
C ALA A 387 -0.07 2.75 -21.81
N CYS A 388 1.25 2.93 -21.90
CA CYS A 388 2.09 2.24 -22.88
C CYS A 388 3.25 1.54 -22.16
N ASP A 389 3.81 2.19 -21.15
CA ASP A 389 4.88 1.60 -20.36
C ASP A 389 4.33 1.57 -18.95
N CYS A 390 4.97 0.84 -18.04
CA CYS A 390 4.48 0.77 -16.67
C CYS A 390 5.13 -0.28 -15.78
N TRP A 391 5.44 0.11 -14.55
CA TRP A 391 6.02 -0.78 -13.55
C TRP A 391 5.14 -0.84 -12.31
N ASP A 392 5.34 -1.89 -11.52
CA ASP A 392 4.57 -2.08 -10.29
C ASP A 392 5.46 -2.46 -9.14
N ALA A 393 4.97 -2.21 -7.93
CA ALA A 393 5.68 -2.55 -6.71
C ALA A 393 4.87 -3.72 -6.17
N GLU A 394 5.36 -4.93 -6.37
CA GLU A 394 4.65 -6.11 -5.90
C GLU A 394 5.26 -6.55 -4.57
N SER A 395 4.39 -6.94 -3.63
CA SER A 395 4.87 -7.37 -2.32
C SER A 395 4.45 -8.82 -2.10
N LYS A 396 5.44 -9.70 -1.93
CA LYS A 396 5.15 -11.11 -1.71
C LYS A 396 4.40 -11.24 -0.39
N THR A 397 3.30 -12.00 -0.45
CA THR A 397 2.45 -12.19 0.72
C THR A 397 1.73 -13.51 0.64
N SER A 398 0.99 -13.82 1.70
CA SER A 398 0.21 -15.04 1.79
C SER A 398 -0.75 -15.20 0.62
N TYR A 399 -0.97 -14.14 -0.14
CA TYR A 399 -1.87 -14.21 -1.30
C TYR A 399 -1.05 -14.22 -2.59
N GLY A 400 0.28 -14.32 -2.44
CA GLY A 400 1.15 -14.32 -3.60
C GLY A 400 1.54 -12.88 -3.89
N TRP A 401 2.50 -12.65 -4.79
CA TRP A 401 2.89 -11.28 -5.09
C TRP A 401 1.67 -10.50 -5.54
N ILE A 402 1.43 -9.36 -4.92
CA ILE A 402 0.31 -8.52 -5.32
C ILE A 402 0.88 -7.12 -5.42
N GLU A 403 0.34 -6.31 -6.31
CA GLU A 403 0.85 -4.97 -6.45
C GLU A 403 0.30 -4.07 -5.37
N ILE A 404 1.16 -3.19 -4.85
CA ILE A 404 0.75 -2.25 -3.81
C ILE A 404 0.91 -0.80 -4.28
N VAL A 405 1.85 -0.55 -5.19
CA VAL A 405 2.09 0.79 -5.70
C VAL A 405 2.25 0.84 -7.22
N GLY A 406 1.13 0.86 -7.95
CA GLY A 406 1.20 0.91 -9.40
C GLY A 406 1.89 2.17 -9.90
N CYS A 407 2.81 2.01 -10.86
CA CYS A 407 3.54 3.15 -11.41
C CYS A 407 3.52 3.17 -12.95
N ALA A 408 2.48 3.77 -13.52
CA ALA A 408 2.33 3.85 -14.97
C ALA A 408 3.23 4.92 -15.61
N ASP A 409 3.13 5.06 -16.93
CA ASP A 409 3.91 6.05 -17.68
C ASP A 409 3.04 6.61 -18.81
N ARG A 410 1.73 6.60 -18.57
CA ARG A 410 0.71 7.09 -19.49
C ARG A 410 1.06 8.34 -20.30
N SER A 411 2.17 8.28 -21.02
CA SER A 411 2.69 9.38 -21.85
C SER A 411 1.82 10.62 -21.93
N CYS A 412 1.05 10.75 -23.01
CA CYS A 412 0.20 11.92 -23.21
C CYS A 412 -1.27 11.55 -23.37
N TYR A 413 -1.60 10.30 -23.11
CA TYR A 413 -2.98 9.84 -23.26
C TYR A 413 -4.03 10.75 -22.62
N ASP A 414 -4.30 10.54 -21.33
CA ASP A 414 -5.30 11.29 -20.58
C ASP A 414 -5.52 12.77 -20.90
N LEU A 415 -4.43 13.52 -21.02
CA LEU A 415 -4.54 14.95 -21.29
C LEU A 415 -5.05 15.32 -22.67
N SER A 416 -4.64 14.56 -23.68
CA SER A 416 -5.07 14.82 -25.06
C SER A 416 -6.53 14.42 -25.24
N CYS A 417 -6.90 13.30 -24.64
CA CYS A 417 -8.25 12.79 -24.74
C CYS A 417 -9.26 13.80 -24.22
N HIS A 418 -8.92 14.46 -23.12
CA HIS A 418 -9.82 15.45 -22.54
C HIS A 418 -9.81 16.77 -23.30
N ALA A 419 -8.62 17.29 -23.59
CA ALA A 419 -8.54 18.54 -24.33
C ALA A 419 -9.36 18.37 -25.60
N ARG A 420 -9.27 17.19 -26.21
CA ARG A 420 -10.03 16.92 -27.42
C ARG A 420 -11.50 17.09 -27.10
N ALA A 421 -12.14 16.00 -26.67
CA ALA A 421 -13.55 15.98 -26.33
C ALA A 421 -14.20 17.29 -25.83
N THR A 422 -13.44 18.16 -25.19
CA THR A 422 -14.02 19.41 -24.68
C THR A 422 -13.69 20.60 -25.57
N LYS A 423 -12.95 20.34 -26.64
CA LYS A 423 -12.56 21.38 -27.57
C LYS A 423 -11.71 22.45 -26.86
N VAL A 424 -11.24 22.12 -25.65
CA VAL A 424 -10.40 23.04 -24.87
C VAL A 424 -8.92 22.68 -24.99
N PRO A 425 -8.07 23.71 -25.12
CA PRO A 425 -6.61 23.55 -25.25
C PRO A 425 -5.86 23.25 -23.94
N LEU A 426 -5.04 22.20 -23.98
CA LEU A 426 -4.25 21.80 -22.81
C LEU A 426 -2.77 21.61 -23.11
N VAL A 427 -1.97 22.67 -23.00
CA VAL A 427 -0.53 22.57 -23.25
C VAL A 427 0.32 23.50 -22.41
N ALA A 428 1.64 23.30 -22.50
CA ALA A 428 2.63 24.10 -21.80
C ALA A 428 3.67 24.53 -22.82
N GLU A 429 4.54 25.46 -22.45
CA GLU A 429 5.57 25.95 -23.37
C GLU A 429 6.99 26.00 -22.77
N LYS A 430 7.98 25.85 -23.65
CA LYS A 430 9.40 25.86 -23.28
C LYS A 430 10.24 26.66 -24.27
N PRO A 431 11.45 27.10 -23.87
CA PRO A 431 12.30 27.88 -24.78
C PRO A 431 13.15 26.99 -25.69
N TYR A 512 10.57 29.70 -31.36
CA TYR A 512 11.24 30.10 -30.12
C TYR A 512 10.69 29.40 -28.87
N VAL A 513 9.38 29.48 -28.66
CA VAL A 513 8.76 28.84 -27.50
C VAL A 513 7.67 27.88 -28.00
N GLU A 514 8.00 26.59 -28.01
CA GLU A 514 7.08 25.57 -28.51
C GLU A 514 6.09 24.97 -27.50
N GLU A 515 4.91 24.60 -27.99
CA GLU A 515 3.85 24.01 -27.17
C GLU A 515 3.94 22.48 -27.08
N VAL A 516 3.99 21.94 -25.88
CA VAL A 516 4.06 20.49 -25.71
C VAL A 516 2.98 19.92 -24.80
N VAL A 517 2.67 18.64 -25.00
CA VAL A 517 1.70 17.94 -24.15
C VAL A 517 2.60 17.16 -23.21
N PRO A 518 2.74 17.63 -21.97
CA PRO A 518 3.59 16.96 -20.99
C PRO A 518 3.34 15.46 -20.96
N ASN A 519 4.31 14.71 -20.49
CA ASN A 519 4.15 13.29 -20.38
C ASN A 519 4.03 12.97 -18.91
N VAL A 520 2.82 12.62 -18.50
CA VAL A 520 2.56 12.29 -17.11
C VAL A 520 3.12 10.92 -16.73
N ILE A 521 3.65 10.83 -15.51
CA ILE A 521 4.20 9.58 -14.98
C ILE A 521 3.53 9.43 -13.63
N GLU A 522 2.52 8.56 -13.55
CA GLU A 522 1.76 8.36 -12.33
C GLU A 522 2.13 7.25 -11.36
N PRO A 523 2.50 7.62 -10.12
CA PRO A 523 2.88 6.66 -9.08
C PRO A 523 1.64 6.55 -8.18
N SER A 524 0.83 5.53 -8.39
CA SER A 524 -0.39 5.33 -7.61
C SER A 524 -0.20 4.39 -6.42
N PHE A 525 -0.50 4.89 -5.23
CA PHE A 525 -0.37 4.13 -3.98
C PHE A 525 -1.72 3.72 -3.43
N GLY A 526 -1.86 2.44 -3.10
CA GLY A 526 -3.10 1.94 -2.54
C GLY A 526 -2.85 1.71 -1.07
N LEU A 527 -2.90 2.77 -0.28
CA LEU A 527 -2.66 2.66 1.15
C LEU A 527 -3.32 1.42 1.71
N GLY A 528 -4.52 1.12 1.24
CA GLY A 528 -5.23 -0.06 1.72
C GLY A 528 -4.34 -1.31 1.72
N ARG A 529 -3.79 -1.66 0.56
CA ARG A 529 -2.92 -2.84 0.44
C ARG A 529 -1.54 -2.62 1.04
N ILE A 530 -1.09 -1.36 1.03
CA ILE A 530 0.22 -1.05 1.57
C ILE A 530 0.19 -1.32 3.07
N MET A 531 -0.95 -1.03 3.69
CA MET A 531 -1.09 -1.25 5.11
C MET A 531 -1.02 -2.75 5.32
N TYR A 532 -1.83 -3.48 4.56
CA TYR A 532 -1.86 -4.93 4.70
C TYR A 532 -0.51 -5.58 4.50
N THR A 533 0.27 -5.14 3.52
CA THR A 533 1.57 -5.77 3.36
C THR A 533 2.33 -5.55 4.67
N VAL A 534 2.26 -4.32 5.20
CA VAL A 534 2.94 -4.02 6.45
C VAL A 534 2.49 -4.95 7.57
N PHE A 535 1.22 -5.34 7.57
CA PHE A 535 0.74 -6.22 8.62
C PHE A 535 1.41 -7.58 8.56
N GLU A 536 1.49 -8.20 7.38
CA GLU A 536 2.14 -9.51 7.31
C GLU A 536 3.63 -9.39 7.57
N HIS A 537 4.34 -8.67 6.70
CA HIS A 537 5.78 -8.50 6.84
C HIS A 537 6.32 -8.24 8.25
N THR A 538 5.46 -7.76 9.15
CA THR A 538 5.92 -7.47 10.51
C THR A 538 5.28 -8.31 11.60
N PHE A 539 4.38 -9.21 11.23
CA PHE A 539 3.73 -10.04 12.22
C PHE A 539 4.73 -11.09 12.68
N HIS A 540 4.79 -11.30 13.98
CA HIS A 540 5.70 -12.29 14.57
C HIS A 540 4.96 -12.93 15.74
N VAL A 541 5.44 -14.08 16.17
CA VAL A 541 4.86 -14.76 17.33
C VAL A 541 6.03 -14.92 18.29
N ARG A 542 5.95 -14.29 19.46
CA ARG A 542 7.04 -14.40 20.42
C ARG A 542 7.17 -15.86 20.78
N GLU A 543 8.40 -16.31 21.03
CA GLU A 543 8.60 -17.70 21.38
C GLU A 543 8.19 -17.96 22.83
N GLY A 544 6.91 -18.23 23.00
CA GLY A 544 6.36 -18.50 24.32
C GLY A 544 5.07 -19.28 24.16
N ASP A 545 5.10 -20.55 24.57
CA ASP A 545 3.96 -21.49 24.52
C ASP A 545 2.63 -20.76 24.59
N GLU A 546 2.66 -19.65 25.31
CA GLU A 546 1.55 -18.75 25.55
C GLU A 546 0.83 -18.24 24.31
N GLN A 547 1.55 -18.20 23.20
CA GLN A 547 1.02 -17.72 21.93
C GLN A 547 0.65 -16.24 21.97
N ARG A 548 1.69 -15.44 22.08
CA ARG A 548 1.56 -13.99 22.09
C ARG A 548 2.05 -13.55 20.73
N THR A 549 1.60 -12.38 20.29
CA THR A 549 2.01 -11.86 19.00
C THR A 549 2.39 -10.40 19.12
N PHE A 550 3.38 -10.00 18.33
CA PHE A 550 3.81 -8.61 18.33
C PHE A 550 4.15 -8.21 16.91
N PHE A 551 3.63 -7.06 16.47
CA PHE A 551 3.93 -6.56 15.14
C PHE A 551 5.21 -5.75 15.32
N SER A 552 5.98 -5.58 14.25
CA SER A 552 7.21 -4.80 14.36
C SER A 552 7.18 -3.59 13.44
N PHE A 553 6.33 -2.63 13.77
CA PHE A 553 6.19 -1.43 12.96
C PHE A 553 7.31 -0.44 13.23
N PRO A 554 7.79 0.24 12.17
CA PRO A 554 8.86 1.21 12.39
C PRO A 554 8.23 2.28 13.29
N ALA A 555 8.99 2.77 14.26
CA ALA A 555 8.46 3.78 15.17
C ALA A 555 7.66 4.87 14.44
N VAL A 556 7.83 4.97 13.14
CA VAL A 556 7.13 6.00 12.36
C VAL A 556 5.71 5.67 11.94
N VAL A 557 5.16 4.55 12.41
CA VAL A 557 3.80 4.22 12.02
C VAL A 557 3.04 3.48 13.12
N ALA A 558 3.74 3.04 14.15
CA ALA A 558 3.11 2.32 15.25
C ALA A 558 2.02 3.18 15.85
N PRO A 559 0.86 2.57 16.21
CA PRO A 559 -0.23 3.34 16.80
C PRO A 559 0.36 4.48 17.62
N PHE A 560 1.19 4.13 18.59
CA PHE A 560 1.86 5.15 19.37
C PHE A 560 3.24 4.66 19.78
N LYS A 561 4.24 5.51 19.55
CA LYS A 561 5.63 5.18 19.86
C LYS A 561 5.83 4.55 21.23
N CYS A 562 5.90 5.37 22.27
CA CYS A 562 6.09 4.84 23.61
C CYS A 562 4.80 4.62 24.39
N SER A 563 4.85 3.69 25.34
CA SER A 563 3.71 3.36 26.18
C SER A 563 4.12 3.29 27.66
N VAL A 564 4.07 4.44 28.33
CA VAL A 564 4.45 4.56 29.74
C VAL A 564 3.54 3.79 30.69
N LEU A 565 4.14 3.00 31.58
CA LEU A 565 3.35 2.22 32.54
C LEU A 565 3.93 2.07 33.96
N PRO A 566 3.14 2.50 34.96
CA PRO A 566 3.47 2.43 36.38
C PRO A 566 2.75 1.22 36.98
N LEU A 567 3.20 0.75 38.14
CA LEU A 567 2.57 -0.41 38.77
C LEU A 567 1.29 0.03 39.46
N SER A 568 1.45 0.76 40.57
CA SER A 568 0.34 1.25 41.39
C SER A 568 -0.19 2.59 40.87
N GLN A 569 -1.46 2.87 41.13
CA GLN A 569 -2.09 4.11 40.64
C GLN A 569 -2.25 5.22 41.68
N ASN A 570 -1.39 5.27 42.69
CA ASN A 570 -1.49 6.30 43.73
C ASN A 570 -0.68 7.58 43.48
N GLN A 571 -0.73 8.50 44.45
CA GLN A 571 -0.03 9.78 44.36
C GLN A 571 1.47 9.73 44.53
N GLU A 572 2.02 8.54 44.70
CA GLU A 572 3.47 8.40 44.85
C GLU A 572 4.04 8.14 43.48
N PHE A 573 3.14 7.92 42.52
CA PHE A 573 3.54 7.66 41.15
C PHE A 573 3.17 8.81 40.23
N MET A 574 2.05 9.46 40.50
CA MET A 574 1.59 10.57 39.69
C MET A 574 2.65 11.64 39.41
N PRO A 575 3.08 12.41 40.43
CA PRO A 575 4.10 13.42 40.09
C PRO A 575 5.30 12.88 39.31
N PHE A 576 5.29 11.58 39.02
CA PHE A 576 6.34 10.94 38.24
C PHE A 576 5.83 10.63 36.84
N VAL A 577 4.67 10.01 36.77
CA VAL A 577 4.05 9.67 35.50
C VAL A 577 3.72 10.97 34.78
N LYS A 578 3.08 11.89 35.49
CA LYS A 578 2.72 13.18 34.90
C LYS A 578 3.90 13.68 34.09
N GLU A 579 4.91 14.17 34.79
CA GLU A 579 6.11 14.69 34.14
C GLU A 579 6.45 13.88 32.89
N LEU A 580 6.84 12.63 33.08
CA LEU A 580 7.23 11.76 31.97
C LEU A 580 6.37 11.84 30.71
N SER A 581 5.08 12.17 30.85
CA SER A 581 4.19 12.27 29.68
C SER A 581 4.45 13.57 28.93
N GLU A 582 4.42 14.65 29.68
CA GLU A 582 4.66 15.97 29.12
C GLU A 582 6.06 16.03 28.53
N ALA A 583 7.03 15.52 29.28
CA ALA A 583 8.42 15.50 28.84
C ALA A 583 8.54 14.79 27.50
N LEU A 584 7.67 13.82 27.27
CA LEU A 584 7.67 13.08 26.01
C LEU A 584 6.92 13.98 25.03
N THR A 585 5.80 14.51 25.49
CA THR A 585 4.98 15.41 24.68
C THR A 585 5.89 16.44 24.05
N ARG A 586 6.69 17.09 24.89
CA ARG A 586 7.60 18.09 24.40
C ARG A 586 8.49 17.50 23.31
N HIS A 587 9.05 16.32 23.56
CA HIS A 587 9.92 15.68 22.58
C HIS A 587 9.23 15.13 21.32
N GLY A 588 7.90 15.12 21.31
CA GLY A 588 7.18 14.63 20.14
C GLY A 588 7.16 13.13 19.97
N VAL A 589 7.06 12.43 21.10
CA VAL A 589 7.02 10.97 21.10
C VAL A 589 5.60 10.58 21.44
N SER A 590 4.77 10.34 20.42
CA SER A 590 3.38 9.97 20.65
C SER A 590 3.26 8.85 21.70
N HIS A 591 2.39 9.02 22.69
CA HIS A 591 2.24 7.99 23.73
C HIS A 591 0.92 7.87 24.47
N LYS A 592 0.84 6.83 25.29
CA LYS A 592 -0.31 6.49 26.13
C LYS A 592 0.16 5.88 27.45
N VAL A 593 -0.50 6.23 28.55
CA VAL A 593 -0.15 5.70 29.87
C VAL A 593 -0.96 4.43 30.13
N ASP A 594 -0.29 3.32 30.45
CA ASP A 594 -0.98 2.05 30.69
C ASP A 594 -1.87 1.94 31.93
N ASP A 595 -3.14 1.64 31.71
CA ASP A 595 -4.11 1.49 32.79
C ASP A 595 -4.61 0.07 33.01
N SER A 596 -4.79 -0.68 31.93
CA SER A 596 -5.27 -2.05 32.03
C SER A 596 -4.45 -2.83 33.05
N SER A 597 -5.12 -3.42 34.03
CA SER A 597 -4.45 -4.19 35.07
C SER A 597 -3.87 -5.49 34.57
N GLY A 598 -2.90 -6.00 35.33
CA GLY A 598 -2.23 -7.24 34.98
C GLY A 598 -0.78 -7.09 35.38
N SER A 599 -0.03 -8.18 35.37
CA SER A 599 1.38 -8.11 35.74
C SER A 599 2.13 -7.28 34.72
N ILE A 600 3.08 -6.48 35.20
CA ILE A 600 3.88 -5.63 34.32
C ILE A 600 4.09 -6.32 32.99
N GLY A 601 4.40 -7.61 33.04
CA GLY A 601 4.64 -8.39 31.84
C GLY A 601 3.44 -8.70 30.97
N ARG A 602 2.28 -8.92 31.59
CA ARG A 602 1.07 -9.22 30.85
C ARG A 602 0.57 -7.92 30.24
N ARG A 603 0.90 -6.81 30.90
CA ARG A 603 0.51 -5.48 30.45
C ARG A 603 1.12 -5.25 29.06
N TYR A 604 2.42 -5.53 28.95
CA TYR A 604 3.16 -5.37 27.70
C TYR A 604 2.70 -6.30 26.59
N ALA A 605 2.04 -7.40 26.95
CA ALA A 605 1.56 -8.33 25.94
C ALA A 605 0.63 -7.53 25.04
N ARG A 606 -0.13 -6.64 25.68
CA ARG A 606 -1.07 -5.76 24.99
C ARG A 606 -0.30 -4.72 24.17
N THR A 607 0.59 -4.00 24.84
CA THR A 607 1.41 -2.99 24.17
C THR A 607 2.08 -3.64 22.95
N ASP A 608 2.51 -4.88 23.11
CA ASP A 608 3.16 -5.61 22.03
C ASP A 608 2.23 -5.98 20.86
N GLU A 609 1.01 -6.43 21.15
CA GLU A 609 0.11 -6.80 20.06
C GLU A 609 -0.09 -5.68 19.04
N ILE A 610 -0.30 -4.46 19.50
CA ILE A 610 -0.49 -3.37 18.55
C ILE A 610 0.81 -2.70 18.11
N GLY A 611 1.91 -3.43 18.19
CA GLY A 611 3.19 -2.92 17.75
C GLY A 611 3.87 -1.79 18.51
N VAL A 612 3.16 -1.14 19.45
CA VAL A 612 3.76 -0.06 20.21
C VAL A 612 5.28 -0.21 20.32
N ALA A 613 5.99 0.78 19.81
CA ALA A 613 7.45 0.79 19.80
C ALA A 613 8.15 0.49 21.12
N PHE A 614 8.14 1.46 22.04
CA PHE A 614 8.82 1.27 23.31
C PHE A 614 7.93 1.43 24.51
N GLY A 615 8.49 1.06 25.65
CA GLY A 615 7.74 1.16 26.88
C GLY A 615 8.64 1.63 27.99
N VAL A 616 8.04 2.30 28.97
CA VAL A 616 8.81 2.78 30.10
C VAL A 616 8.09 2.34 31.37
N THR A 617 8.74 1.42 32.08
CA THR A 617 8.24 0.86 33.32
C THR A 617 8.64 1.75 34.48
N ILE A 618 7.66 2.21 35.24
CA ILE A 618 7.99 3.04 36.39
C ILE A 618 7.56 2.33 37.66
N ASP A 619 8.54 1.77 38.38
CA ASP A 619 8.25 1.09 39.62
C ASP A 619 8.60 1.89 40.86
N PHE A 620 8.46 1.25 42.01
CA PHE A 620 8.75 1.89 43.28
C PHE A 620 10.17 2.45 43.31
N ASP A 621 11.16 1.63 42.95
CA ASP A 621 12.56 2.07 42.92
C ASP A 621 12.77 3.39 42.18
N THR A 622 11.82 3.76 41.33
CA THR A 622 11.92 5.00 40.58
C THR A 622 11.41 6.12 41.48
N VAL A 623 10.48 5.77 42.35
CA VAL A 623 9.87 6.72 43.28
C VAL A 623 10.53 6.74 44.66
N ASN A 624 11.41 5.80 44.94
CA ASN A 624 12.07 5.71 46.24
C ASN A 624 13.57 5.91 46.16
N LYS A 625 14.23 5.07 45.39
CA LYS A 625 15.66 5.19 45.20
C LYS A 625 15.85 6.56 44.58
N THR A 626 17.05 7.10 44.70
CA THR A 626 17.35 8.42 44.15
C THR A 626 18.84 8.48 43.82
N PRO A 627 19.19 8.82 42.57
CA PRO A 627 18.36 9.16 41.40
C PRO A 627 17.23 8.20 41.05
N HIS A 628 16.20 8.76 40.44
CA HIS A 628 15.03 8.01 40.02
C HIS A 628 15.29 7.39 38.66
N THR A 629 15.29 6.06 38.65
CA THR A 629 15.54 5.31 37.43
C THR A 629 14.26 4.62 36.97
N ALA A 630 14.06 4.55 35.66
CA ALA A 630 12.88 3.89 35.12
C ALA A 630 13.33 2.70 34.30
N THR A 631 12.38 2.05 33.61
CA THR A 631 12.69 0.90 32.78
C THR A 631 12.35 1.21 31.33
N LEU A 632 13.32 1.02 30.43
CA LEU A 632 13.11 1.30 29.01
C LEU A 632 13.10 -0.02 28.24
N ARG A 633 11.93 -0.48 27.82
CA ARG A 633 11.79 -1.76 27.12
C ARG A 633 11.55 -1.78 25.60
N ASP A 634 12.50 -2.35 24.86
CA ASP A 634 12.42 -2.45 23.39
C ASP A 634 11.52 -3.60 22.89
N ARG A 635 10.30 -3.23 22.52
CA ARG A 635 9.26 -4.14 22.01
C ARG A 635 9.69 -5.44 21.36
N ASP A 636 10.72 -5.38 20.53
CA ASP A 636 11.18 -6.57 19.84
C ASP A 636 11.94 -7.55 20.72
N SER A 637 12.98 -7.08 21.40
CA SER A 637 13.79 -7.95 22.24
C SER A 637 13.33 -8.10 23.70
N MET A 638 12.20 -7.49 24.06
CA MET A 638 11.70 -7.54 25.43
C MET A 638 12.82 -7.25 26.44
N ARG A 639 13.98 -6.88 25.92
CA ARG A 639 15.14 -6.55 26.74
C ARG A 639 14.93 -5.15 27.29
N GLN A 640 15.12 -4.99 28.59
CA GLN A 640 14.91 -3.69 29.22
C GLN A 640 16.19 -2.99 29.69
N ILE A 641 16.10 -1.68 29.82
CA ILE A 641 17.22 -0.85 30.26
C ILE A 641 16.80 -0.09 31.52
N ARG A 642 17.79 0.31 32.31
CA ARG A 642 17.50 1.07 33.53
C ARG A 642 18.27 2.37 33.48
N ALA A 643 17.57 3.45 33.20
CA ALA A 643 18.20 4.75 33.14
C ALA A 643 17.43 5.68 34.04
N GLU A 644 18.06 6.78 34.40
CA GLU A 644 17.42 7.76 35.24
C GLU A 644 16.20 8.23 34.47
N ILE A 645 15.17 8.67 35.19
CA ILE A 645 13.91 9.07 34.56
C ILE A 645 13.82 10.39 33.80
N SER A 646 14.57 11.41 34.19
CA SER A 646 14.46 12.68 33.48
C SER A 646 15.21 12.67 32.15
N GLU A 647 16.06 11.66 31.94
CA GLU A 647 16.80 11.57 30.69
C GLU A 647 16.08 10.74 29.64
N LEU A 648 15.15 9.90 30.08
CA LEU A 648 14.40 9.01 29.19
C LEU A 648 13.70 9.62 27.97
N PRO A 649 12.94 10.71 28.15
CA PRO A 649 12.27 11.31 27.01
C PRO A 649 13.16 11.59 25.80
N SER A 650 14.36 12.09 26.04
CA SER A 650 15.26 12.37 24.94
C SER A 650 15.82 11.08 24.36
N ILE A 651 15.71 10.00 25.12
CA ILE A 651 16.19 8.69 24.68
C ILE A 651 15.16 8.00 23.79
N VAL A 652 13.90 8.02 24.20
CA VAL A 652 12.85 7.41 23.40
C VAL A 652 12.82 8.18 22.08
N GLN A 653 13.16 9.47 22.15
CA GLN A 653 13.17 10.32 20.98
C GLN A 653 14.23 9.84 19.99
N ASP A 654 15.49 9.93 20.41
CA ASP A 654 16.59 9.48 19.56
C ASP A 654 16.34 8.08 19.06
N LEU A 655 15.77 7.23 19.91
CA LEU A 655 15.47 5.86 19.53
C LEU A 655 14.49 5.79 18.36
N ALA A 656 13.35 6.48 18.51
CA ALA A 656 12.32 6.49 17.48
C ALA A 656 12.75 7.07 16.15
N ASN A 657 13.47 8.18 16.20
CA ASN A 657 13.91 8.86 14.99
C ASN A 657 14.97 8.14 14.17
N GLY A 658 15.55 7.08 14.72
CA GLY A 658 16.58 6.35 14.02
C GLY A 658 17.92 7.06 14.23
N ASN A 659 18.05 7.65 15.41
CA ASN A 659 19.27 8.38 15.79
C ASN A 659 19.97 7.69 16.96
N ILE A 660 19.89 6.37 16.99
CA ILE A 660 20.51 5.58 18.06
C ILE A 660 19.97 4.15 17.96
N THR A 661 20.83 3.16 18.16
CA THR A 661 20.40 1.77 18.11
C THR A 661 20.01 1.36 19.52
N TRP A 662 19.36 0.21 19.62
CA TRP A 662 18.96 -0.33 20.90
C TRP A 662 20.21 -0.84 21.58
N ALA A 663 21.16 -1.30 20.77
CA ALA A 663 22.41 -1.82 21.28
C ALA A 663 23.17 -0.71 22.00
N ASP A 664 23.17 0.48 21.39
CA ASP A 664 23.86 1.64 21.95
C ASP A 664 23.39 1.98 23.36
N VAL A 665 22.14 1.68 23.65
CA VAL A 665 21.58 1.94 24.96
C VAL A 665 22.25 0.96 25.93
N GLU A 666 22.11 -0.33 25.64
CA GLU A 666 22.69 -1.38 26.47
C GLU A 666 24.16 -1.06 26.78
N ALA A 667 24.77 -0.27 25.91
CA ALA A 667 26.17 0.13 26.06
C ALA A 667 26.38 1.36 26.94
N ARG A 668 25.46 2.33 26.85
CA ARG A 668 25.56 3.56 27.65
C ARG A 668 25.01 3.41 29.06
N TYR A 669 23.92 2.67 29.18
CA TYR A 669 23.24 2.46 30.45
C TYR A 669 23.35 1.01 30.93
N PRO A 670 22.91 0.75 32.17
CA PRO A 670 22.94 -0.59 32.77
C PRO A 670 21.74 -1.44 32.35
N LEU A 671 21.95 -2.74 32.18
CA LEU A 671 20.86 -3.63 31.79
C LEU A 671 19.80 -3.70 32.88
N PHE A 672 18.84 -4.62 32.75
CA PHE A 672 17.76 -4.73 33.74
C PHE A 672 16.86 -5.93 33.48
N GLU A 673 17.26 -7.12 33.92
CA GLU A 673 16.46 -8.32 33.73
C GLU A 673 15.14 -8.20 34.50
PA B4P B . -8.29 -4.34 -10.34
O1A B4P B . -8.34 -2.85 -9.74
O2A B4P B . -9.54 -5.08 -10.05
O3A B4P B . -7.01 -5.04 -9.67
PB B4P B . -5.50 -4.99 -10.25
O1B B4P B . -4.71 -6.11 -9.40
O2B B4P B . -5.41 -5.23 -11.71
O3B B4P B . -4.85 -3.60 -9.76
PG B4P B . -4.38 -2.44 -10.79
O1G B4P B . -5.49 -2.36 -11.95
O2G B4P B . -3.03 -2.68 -11.34
O3G B4P B . -4.48 -1.06 -9.95
PD B4P B . -4.52 0.38 -10.66
O1D B4P B . -6.02 0.56 -11.22
O2D B4P B . -3.51 0.51 -11.74
O5E B4P B . -8.05 -4.16 -11.93
C5E B4P B . -8.02 -5.28 -12.81
C4E B4P B . -8.05 -4.81 -14.27
O4E B4P B . -7.58 -5.81 -15.20
C3E B4P B . -7.16 -3.57 -14.43
O3E B4P B . -7.99 -2.40 -14.39
C2E B4P B . -6.64 -3.78 -15.84
O2E B4P B . -5.40 -3.10 -16.04
C1E B4P B . -6.38 -5.29 -15.78
N9A B4P B . -6.02 -5.87 -17.10
C8A B4P B . -5.13 -6.83 -17.30
N7A B4P B . -5.00 -7.06 -18.60
C5A B4P B . -5.81 -6.23 -19.25
C6A B4P B . -6.11 -6.01 -20.58
N6A B4P B . -5.50 -6.70 -21.53
N1A B4P B . -7.01 -5.07 -20.90
C2A B4P B . -7.62 -4.36 -19.95
N3A B4P B . -7.36 -4.55 -18.68
C4A B4P B . -6.48 -5.47 -18.29
O5F B4P B . -4.36 1.49 -9.51
C5F B4P B . -3.38 1.34 -8.48
C4F B4P B . -3.83 0.28 -7.47
O4F B4P B . -4.98 0.72 -6.74
C3F B4P B . -2.84 0.00 -6.34
O3F B4P B . -1.69 -0.68 -6.85
C2F B4P B . -3.74 -0.91 -5.52
O2F B4P B . -3.28 -0.94 -4.16
C1F B4P B . -5.06 -0.15 -5.59
N9B B4P B . -6.19 -1.09 -5.77
C8B B4P B . -6.74 -1.42 -6.94
N7B B4P B . -7.76 -2.25 -6.74
C5B B4P B . -7.85 -2.46 -5.43
C6B B4P B . -8.71 -3.22 -4.64
N6B B4P B . -9.69 -3.94 -5.18
N1B B4P B . -8.53 -3.22 -3.31
C2B B4P B . -7.57 -2.50 -2.75
N3B B4P B . -6.74 -1.77 -3.48
C4B B4P B . -6.86 -1.73 -4.81
#